data_2GJK
#
_entry.id   2GJK
#
_cell.length_a   188.979
_cell.length_b   188.979
_cell.length_c   44.872
_cell.angle_alpha   90.00
_cell.angle_beta   90.00
_cell.angle_gamma   90.00
#
_symmetry.space_group_name_H-M   'P 43 21 2'
#
loop_
_entity.id
_entity.type
_entity.pdbx_description
1 polymer 'Regulator of nonsense transcripts 1'
2 non-polymer 'MAGNESIUM ION'
3 non-polymer 'PHOSPHOAMINOPHOSPHONIC ACID-ADENYLATE ESTER'
4 water water
#
_entity_poly.entity_id   1
_entity_poly.type   'polypeptide(L)'
_entity_poly.pdbx_seq_one_letter_code
;PLGSRYEDAYQYQNIFGPLVKLEADYDKKLKESQTQDNITVRWDLGLNKKRIAYFTLPKTDSDMRLMQGDEICLRYKGDL
APLWKGIGHVIKVPDNYGDEIAIELRSSVGAPVEVTHNFQVDFVWKSTSFDRMQSALKTFAVDETSVSGYIYHKLLGHEV
EDVIIKCQLPKRFTAQGLPDLNHSQVYAVKTVLQRPLSLIQGPPGTGKTVTSATIVYHLARQGNGPVLVCAPSNIAVDQL
TEKIHQTGLKVVRLCAKSREAIDSPVSFLALHNQIRNMDSMPELQKLQQLKDETGELSSADEKRYRALKRTAERELLMNA
DVICCTCVGAGDPRLAKMQFRSILIDESTQATEPECMVPVVLGAKQLILVGDHCQLGPVVMCKKAAKAGLSQSLFERLVV
LGIRPIRLQVQYRMHPALSAFPSNIFYEGSLQNGVTAADRVKKGFDFQWPQPDKPMFFYVTQGQEEIASSGTSYLNRTEA
ANVEKITTKLLKAGAKPDQIGIITPYEGQRSYLVQYMQFSGSLHTKLYQEVEIASVDAFQGREKDFIILSCVRANEHQGI
GFLNDPRRLNVALTRARYGVIIVGNPKALSKQPLWNHLLNYYKEQKVLVEGPLNNLRESLMQFS
;
_entity_poly.pdbx_strand_id   A
#
# COMPACT_ATOMS: atom_id res chain seq x y z
N PRO A 1 -17.55 -5.97 19.09
CA PRO A 1 -17.82 -4.84 18.15
C PRO A 1 -19.18 -4.99 17.46
N LEU A 2 -19.35 -6.12 16.77
CA LEU A 2 -20.58 -6.46 16.06
C LEU A 2 -20.72 -7.98 16.03
N GLY A 3 -21.96 -8.45 16.07
CA GLY A 3 -22.25 -9.87 16.20
C GLY A 3 -21.66 -10.65 15.06
N SER A 4 -20.72 -11.54 15.38
CA SER A 4 -19.97 -12.28 14.37
C SER A 4 -20.71 -13.50 13.82
N ARG A 5 -21.85 -13.85 14.42
CA ARG A 5 -22.69 -14.95 13.94
C ARG A 5 -23.78 -14.43 13.01
N TYR A 6 -24.19 -15.26 12.05
CA TYR A 6 -25.17 -14.89 11.05
C TYR A 6 -26.00 -16.12 10.63
N GLU A 7 -27.31 -15.94 10.54
CA GLU A 7 -28.23 -17.03 10.15
C GLU A 7 -27.88 -17.56 8.76
N ASP A 8 -27.82 -16.65 7.80
CA ASP A 8 -27.50 -16.99 6.42
C ASP A 8 -26.80 -15.81 5.71
N ALA A 9 -26.52 -15.95 4.42
CA ALA A 9 -25.84 -14.90 3.67
C ALA A 9 -26.76 -13.72 3.31
N TYR A 10 -28.08 -13.92 3.32
CA TYR A 10 -29.03 -12.81 3.15
C TYR A 10 -28.94 -11.84 4.32
N GLN A 11 -28.86 -12.38 5.53
CA GLN A 11 -28.77 -11.55 6.75
C GLN A 11 -27.43 -10.84 6.82
N TYR A 12 -26.38 -11.54 6.41
CA TYR A 12 -25.03 -10.99 6.29
C TYR A 12 -25.01 -9.78 5.36
N GLN A 13 -25.69 -9.89 4.21
CA GLN A 13 -25.77 -8.78 3.26
C GLN A 13 -26.55 -7.61 3.85
N ASN A 14 -27.61 -7.91 4.60
CA ASN A 14 -28.45 -6.86 5.18
C ASN A 14 -27.75 -6.06 6.29
N ILE A 15 -26.72 -6.63 6.90
CA ILE A 15 -25.94 -5.92 7.91
C ILE A 15 -24.84 -5.09 7.26
N PHE A 16 -24.08 -5.71 6.35
CA PHE A 16 -22.90 -5.06 5.78
C PHE A 16 -23.24 -4.11 4.64
N GLY A 17 -24.29 -4.42 3.89
CA GLY A 17 -24.76 -3.61 2.77
C GLY A 17 -25.03 -2.16 3.13
N PRO A 18 -25.88 -1.90 4.11
CA PRO A 18 -26.10 -0.53 4.61
C PRO A 18 -24.85 0.18 5.12
N LEU A 19 -23.94 -0.55 5.77
CA LEU A 19 -22.66 0.00 6.22
C LEU A 19 -21.82 0.53 5.06
N VAL A 20 -21.78 -0.23 3.96
CA VAL A 20 -21.03 0.15 2.77
C VAL A 20 -21.66 1.36 2.09
N LYS A 21 -23.00 1.42 2.08
CA LYS A 21 -23.73 2.55 1.50
C LYS A 21 -23.49 3.82 2.32
N LEU A 22 -23.30 3.65 3.62
CA LEU A 22 -23.02 4.75 4.54
C LEU A 22 -21.64 5.35 4.23
N GLU A 23 -20.66 4.49 3.94
CA GLU A 23 -19.32 4.93 3.58
C GLU A 23 -19.28 5.55 2.19
N ALA A 24 -20.08 5.01 1.27
CA ALA A 24 -20.09 5.48 -0.11
C ALA A 24 -20.65 6.90 -0.19
N ASP A 25 -21.70 7.18 0.58
CA ASP A 25 -22.33 8.49 0.59
C ASP A 25 -21.44 9.52 1.27
N TYR A 26 -20.74 9.11 2.33
CA TYR A 26 -19.94 10.03 3.13
C TYR A 26 -18.78 10.61 2.32
N ASP A 27 -18.01 9.76 1.65
CA ASP A 27 -16.86 10.25 0.86
C ASP A 27 -17.21 10.60 -0.58
N LYS A 28 -18.48 10.42 -0.97
CA LYS A 28 -18.99 11.08 -2.18
C LYS A 28 -19.18 12.56 -1.84
N LYS A 29 -19.69 12.80 -0.65
CA LYS A 29 -19.86 14.16 -0.12
C LYS A 29 -18.50 14.85 0.01
N LEU A 30 -17.54 14.11 0.53
CA LEU A 30 -16.21 14.63 0.82
C LEU A 30 -15.43 14.97 -0.45
N LYS A 31 -15.50 14.10 -1.45
CA LYS A 31 -14.81 14.31 -2.72
C LYS A 31 -15.36 15.53 -3.45
N GLU A 32 -16.68 15.63 -3.50
CA GLU A 32 -17.35 16.73 -4.18
C GLU A 32 -17.23 18.06 -3.41
N SER A 33 -16.69 18.00 -2.19
CA SER A 33 -16.40 19.18 -1.38
C SER A 33 -14.89 19.38 -1.22
N GLN A 34 -14.16 19.20 -2.31
CA GLN A 34 -12.70 19.37 -2.30
C GLN A 34 -12.25 20.09 -3.59
N THR A 35 -13.03 21.09 -4.00
CA THR A 35 -12.77 21.78 -5.26
C THR A 35 -11.78 22.94 -5.08
N GLN A 36 -10.80 23.00 -5.96
CA GLN A 36 -9.87 24.14 -6.07
C GLN A 36 -10.20 24.90 -7.36
N ASP A 37 -9.87 26.18 -7.41
CA ASP A 37 -10.20 27.01 -8.59
C ASP A 37 -9.18 28.06 -9.01
N ASN A 38 -8.42 28.61 -8.06
CA ASN A 38 -7.42 29.64 -8.39
C ASN A 38 -6.14 29.07 -9.01
N ILE A 39 -6.16 27.78 -9.38
CA ILE A 39 -5.01 27.10 -9.96
C ILE A 39 -4.80 27.48 -11.42
N THR A 40 -3.56 27.38 -11.88
CA THR A 40 -3.20 27.64 -13.26
C THR A 40 -2.68 26.36 -13.90
N VAL A 41 -3.27 25.99 -15.03
CA VAL A 41 -2.91 24.78 -15.75
C VAL A 41 -1.56 24.93 -16.48
N ARG A 42 -1.18 23.90 -17.23
CA ARG A 42 0.05 23.91 -18.01
C ARG A 42 -0.12 22.96 -19.21
N TRP A 43 -0.86 23.44 -20.21
CA TRP A 43 -1.21 22.62 -21.37
C TRP A 43 0.01 22.22 -22.19
N ASP A 44 -0.08 21.04 -22.83
CA ASP A 44 0.90 20.58 -23.82
C ASP A 44 0.53 19.19 -24.33
N LEU A 45 0.62 19.00 -25.65
CA LEU A 45 0.42 17.67 -26.24
C LEU A 45 1.62 16.78 -25.90
N GLY A 46 1.54 16.09 -24.77
CA GLY A 46 2.62 15.23 -24.30
C GLY A 46 3.11 14.27 -25.35
N LEU A 47 4.42 14.01 -25.34
CA LEU A 47 5.12 13.29 -26.43
C LEU A 47 4.46 12.00 -26.92
N ASN A 48 3.56 11.41 -26.14
CA ASN A 48 2.75 10.28 -26.57
C ASN A 48 1.44 10.72 -27.29
N LYS A 49 1.49 11.87 -27.98
CA LYS A 49 0.37 12.42 -28.74
C LYS A 49 -0.97 12.53 -27.99
N LYS A 50 -0.90 12.64 -26.66
CA LYS A 50 -2.09 12.81 -25.83
C LYS A 50 -1.91 14.02 -24.92
N ARG A 51 -2.94 14.88 -24.88
CA ARG A 51 -2.89 16.12 -24.10
C ARG A 51 -2.77 15.82 -22.60
N ILE A 52 -1.77 16.42 -21.96
CA ILE A 52 -1.46 16.20 -20.55
C ILE A 52 -1.31 17.54 -19.83
N ALA A 53 -2.32 17.91 -19.05
CA ALA A 53 -2.31 19.18 -18.30
C ALA A 53 -1.62 19.02 -16.96
N TYR A 54 -0.86 20.03 -16.55
CA TYR A 54 -0.24 20.06 -15.22
C TYR A 54 -0.89 21.14 -14.37
N PHE A 55 -0.77 20.99 -13.05
CA PHE A 55 -1.29 21.98 -12.11
C PHE A 55 -0.81 21.67 -10.69
N THR A 56 -0.72 22.70 -9.86
CA THR A 56 -0.33 22.54 -8.47
C THR A 56 -1.53 22.82 -7.57
N LEU A 57 -1.72 21.97 -6.57
CA LEU A 57 -2.81 22.11 -5.61
C LEU A 57 -2.23 22.37 -4.22
N PRO A 58 -2.98 23.06 -3.37
CA PRO A 58 -2.55 23.28 -1.97
C PRO A 58 -2.22 21.98 -1.23
N LYS A 59 -1.10 21.99 -0.51
CA LYS A 59 -0.64 20.83 0.25
C LYS A 59 -1.59 20.52 1.39
N THR A 60 -2.35 19.42 1.24
CA THR A 60 -3.30 18.98 2.26
C THR A 60 -3.04 17.51 2.58
N ASP A 61 -2.64 17.23 3.81
CA ASP A 61 -2.46 15.84 4.25
C ASP A 61 -3.78 15.28 4.79
N SER A 62 -4.56 14.69 3.89
CA SER A 62 -5.82 14.04 4.23
C SER A 62 -5.63 12.52 4.16
N ASP A 63 -6.72 11.78 4.39
CA ASP A 63 -6.71 10.32 4.24
C ASP A 63 -7.16 9.93 2.84
N MET A 64 -7.96 10.78 2.20
CA MET A 64 -8.40 10.60 0.82
C MET A 64 -7.31 11.14 -0.11
N ARG A 65 -6.17 10.46 -0.14
CA ARG A 65 -5.01 10.89 -0.90
C ARG A 65 -5.30 10.75 -2.39
N LEU A 66 -5.09 11.82 -3.14
CA LEU A 66 -5.24 11.79 -4.59
C LEU A 66 -4.21 10.81 -5.14
N MET A 67 -4.68 9.76 -5.79
CA MET A 67 -3.81 8.72 -6.33
C MET A 67 -3.79 8.77 -7.85
N GLN A 68 -2.80 8.09 -8.42
CA GLN A 68 -2.69 7.95 -9.86
C GLN A 68 -3.82 7.08 -10.37
N GLY A 69 -4.70 7.65 -11.18
CA GLY A 69 -5.83 6.93 -11.75
C GLY A 69 -7.15 7.61 -11.52
N ASP A 70 -7.21 8.47 -10.49
CA ASP A 70 -8.42 9.21 -10.15
C ASP A 70 -8.86 10.12 -11.29
N GLU A 71 -10.17 10.15 -11.56
CA GLU A 71 -10.72 10.98 -12.62
C GLU A 71 -10.86 12.42 -12.10
N ILE A 72 -10.29 13.37 -12.85
CA ILE A 72 -10.37 14.79 -12.51
C ILE A 72 -11.04 15.56 -13.66
N CYS A 73 -11.85 16.55 -13.30
CA CYS A 73 -12.60 17.33 -14.27
C CYS A 73 -12.16 18.80 -14.25
N LEU A 74 -11.35 19.19 -15.23
CA LEU A 74 -10.99 20.59 -15.43
C LEU A 74 -12.19 21.46 -15.79
N ARG A 75 -11.98 22.77 -15.80
CA ARG A 75 -13.03 23.73 -16.15
C ARG A 75 -12.41 25.11 -16.40
N TYR A 76 -12.44 25.55 -17.65
CA TYR A 76 -11.92 26.86 -18.03
C TYR A 76 -12.96 27.88 -17.58
N LYS A 77 -12.52 28.87 -16.78
CA LYS A 77 -13.41 29.89 -16.25
C LYS A 77 -12.75 31.27 -16.31
N GLY A 78 -13.48 32.29 -15.85
CA GLY A 78 -12.98 33.65 -15.83
C GLY A 78 -13.37 34.45 -17.05
N ASP A 79 -13.00 35.73 -17.05
CA ASP A 79 -13.37 36.66 -18.13
C ASP A 79 -12.46 36.46 -19.35
N LEU A 80 -13.00 35.76 -20.35
CA LEU A 80 -12.29 35.26 -21.53
C LEU A 80 -12.85 33.86 -21.72
N ALA A 81 -13.87 33.74 -22.57
CA ALA A 81 -14.78 32.59 -22.52
C ALA A 81 -14.77 31.62 -23.72
N PRO A 82 -13.67 30.90 -23.92
CA PRO A 82 -13.73 29.54 -24.46
C PRO A 82 -14.17 28.54 -23.37
N LEU A 83 -15.02 29.02 -22.45
CA LEU A 83 -15.49 28.30 -21.27
C LEU A 83 -16.11 26.93 -21.61
N TRP A 84 -15.48 25.86 -21.11
CA TRP A 84 -15.88 24.49 -21.44
C TRP A 84 -15.62 23.52 -20.28
N LYS A 85 -15.71 22.21 -20.55
CA LYS A 85 -15.38 21.18 -19.56
C LYS A 85 -14.49 20.08 -20.16
N GLY A 86 -13.52 19.60 -19.40
CA GLY A 86 -12.60 18.56 -19.86
C GLY A 86 -12.28 17.51 -18.79
N ILE A 87 -12.45 16.25 -19.14
CA ILE A 87 -12.23 15.14 -18.19
C ILE A 87 -10.91 14.41 -18.50
N GLY A 88 -10.19 14.05 -17.44
CA GLY A 88 -8.98 13.27 -17.54
C GLY A 88 -8.72 12.40 -16.32
N HIS A 89 -7.57 11.74 -16.28
CA HIS A 89 -7.20 10.90 -15.14
C HIS A 89 -5.75 11.14 -14.72
N VAL A 90 -5.47 11.00 -13.43
CA VAL A 90 -4.17 11.37 -12.87
C VAL A 90 -3.07 10.41 -13.35
N ILE A 91 -2.13 10.95 -14.13
CA ILE A 91 -0.97 10.20 -14.60
C ILE A 91 0.24 10.36 -13.66
N LYS A 92 0.16 11.31 -12.72
CA LYS A 92 1.27 11.60 -11.80
C LYS A 92 0.81 12.46 -10.61
N VAL A 93 1.37 12.18 -9.44
CA VAL A 93 1.08 12.93 -8.21
C VAL A 93 2.38 13.48 -7.60
N PRO A 94 2.27 14.42 -6.65
CA PRO A 94 3.46 14.96 -5.98
C PRO A 94 4.41 13.88 -5.45
N ASP A 95 5.65 13.94 -5.89
CA ASP A 95 6.65 12.90 -5.63
C ASP A 95 8.08 13.46 -5.74
N ASN A 96 9.07 12.58 -5.86
CA ASN A 96 10.47 12.97 -5.94
C ASN A 96 10.84 13.77 -7.20
N TYR A 97 9.95 13.80 -8.20
CA TYR A 97 10.18 14.58 -9.41
C TYR A 97 9.34 15.86 -9.39
N GLY A 98 9.31 16.53 -8.24
CA GLY A 98 8.56 17.77 -8.08
C GLY A 98 7.13 17.52 -7.65
N ASP A 99 6.52 18.50 -6.99
CA ASP A 99 5.18 18.33 -6.43
C ASP A 99 4.09 18.94 -7.32
N GLU A 100 3.94 18.35 -8.50
CA GLU A 100 2.98 18.82 -9.51
C GLU A 100 2.10 17.66 -9.99
N ILE A 101 0.78 17.84 -9.93
CA ILE A 101 -0.16 16.83 -10.41
C ILE A 101 -0.37 16.93 -11.92
N ALA A 102 -0.11 15.84 -12.63
CA ALA A 102 -0.41 15.75 -14.07
C ALA A 102 -1.63 14.87 -14.30
N ILE A 103 -2.40 15.21 -15.35
CA ILE A 103 -3.53 14.39 -15.79
C ILE A 103 -3.45 14.15 -17.30
N GLU A 104 -3.92 12.98 -17.74
CA GLU A 104 -3.98 12.61 -19.14
C GLU A 104 -5.44 12.60 -19.57
N LEU A 105 -5.88 13.66 -20.23
CA LEU A 105 -7.29 13.81 -20.60
C LEU A 105 -7.67 12.89 -21.76
N ARG A 106 -8.89 12.38 -21.73
CA ARG A 106 -9.38 11.41 -22.72
C ARG A 106 -9.48 12.03 -24.12
N SER A 107 -10.22 13.14 -24.22
CA SER A 107 -10.38 13.85 -25.49
C SER A 107 -9.33 14.95 -25.62
N SER A 108 -8.86 15.16 -26.85
CA SER A 108 -7.89 16.23 -27.14
C SER A 108 -8.33 17.01 -28.37
N VAL A 109 -9.18 18.01 -28.16
CA VAL A 109 -9.69 18.84 -29.26
C VAL A 109 -10.29 20.16 -28.74
N GLY A 110 -11.38 20.08 -28.00
CA GLY A 110 -12.09 21.26 -27.53
C GLY A 110 -11.38 22.00 -26.41
N ALA A 111 -10.41 21.35 -25.79
CA ALA A 111 -9.64 21.94 -24.69
C ALA A 111 -8.76 23.09 -25.18
N PRO A 112 -9.04 24.33 -24.75
CA PRO A 112 -8.21 25.46 -25.15
C PRO A 112 -6.81 25.41 -24.55
N VAL A 113 -5.80 25.57 -25.39
CA VAL A 113 -4.40 25.52 -24.97
C VAL A 113 -3.90 26.92 -24.58
N GLU A 114 -4.83 27.79 -24.17
CA GLU A 114 -4.51 29.12 -23.64
C GLU A 114 -4.24 28.95 -22.15
N VAL A 115 -2.97 28.72 -21.80
CA VAL A 115 -2.56 28.38 -20.44
C VAL A 115 -2.87 29.53 -19.48
N THR A 116 -4.09 29.55 -18.95
CA THR A 116 -4.63 30.72 -18.25
C THR A 116 -5.43 30.35 -17.01
N HIS A 117 -4.83 30.71 -15.87
CA HIS A 117 -5.45 30.83 -14.54
C HIS A 117 -6.99 30.92 -14.44
N ASN A 118 -7.47 30.76 -13.20
CA ASN A 118 -8.89 30.76 -12.88
C ASN A 118 -9.64 29.53 -13.43
N PHE A 119 -8.97 28.37 -13.37
CA PHE A 119 -9.58 27.11 -13.77
C PHE A 119 -10.45 26.55 -12.63
N GLN A 120 -10.84 25.29 -12.71
CA GLN A 120 -11.52 24.61 -11.59
C GLN A 120 -11.30 23.10 -11.64
N VAL A 121 -10.35 22.64 -10.83
CA VAL A 121 -10.10 21.21 -10.67
C VAL A 121 -11.14 20.61 -9.72
N ASP A 122 -11.98 19.74 -10.27
CA ASP A 122 -12.97 19.00 -9.50
C ASP A 122 -12.57 17.54 -9.44
N PHE A 123 -12.69 16.94 -8.26
CA PHE A 123 -12.35 15.53 -8.07
C PHE A 123 -13.59 14.70 -8.35
N VAL A 124 -13.64 14.06 -9.51
CA VAL A 124 -14.80 13.26 -9.92
C VAL A 124 -14.92 12.00 -9.07
N TRP A 125 -16.07 11.84 -8.42
CA TRP A 125 -16.31 10.67 -7.58
C TRP A 125 -16.68 9.45 -8.41
N LYS A 126 -16.13 8.29 -8.04
CA LYS A 126 -16.48 7.03 -8.66
C LYS A 126 -17.01 6.07 -7.61
N SER A 127 -18.19 5.51 -7.87
CA SER A 127 -18.81 4.53 -6.97
C SER A 127 -18.26 3.11 -7.17
N THR A 128 -17.37 2.94 -8.16
CA THR A 128 -16.77 1.64 -8.53
C THR A 128 -16.47 0.67 -7.37
N SER A 129 -15.63 1.09 -6.44
CA SER A 129 -15.19 0.19 -5.36
C SER A 129 -16.33 -0.19 -4.40
N PHE A 130 -17.27 0.72 -4.19
CA PHE A 130 -18.43 0.44 -3.34
C PHE A 130 -19.45 -0.43 -4.07
N ASP A 131 -19.54 -0.27 -5.40
CA ASP A 131 -20.44 -1.08 -6.22
C ASP A 131 -19.98 -2.54 -6.22
N ARG A 132 -18.67 -2.73 -6.21
CA ARG A 132 -18.08 -4.05 -6.20
C ARG A 132 -18.28 -4.72 -4.85
N MET A 133 -18.20 -3.92 -3.78
CA MET A 133 -18.44 -4.42 -2.43
C MET A 133 -19.88 -4.92 -2.30
N GLN A 134 -20.84 -4.11 -2.78
CA GLN A 134 -22.27 -4.45 -2.71
C GLN A 134 -22.58 -5.66 -3.57
N SER A 135 -22.00 -5.68 -4.76
CA SER A 135 -22.14 -6.78 -5.71
C SER A 135 -21.65 -8.10 -5.09
N ALA A 136 -20.59 -8.04 -4.31
CA ALA A 136 -20.02 -9.23 -3.68
C ALA A 136 -20.90 -9.75 -2.55
N LEU A 137 -21.55 -8.85 -1.83
CA LEU A 137 -22.51 -9.24 -0.79
C LEU A 137 -23.72 -9.91 -1.43
N LYS A 138 -24.09 -9.44 -2.62
CA LYS A 138 -25.19 -10.05 -3.37
C LYS A 138 -24.82 -11.44 -3.88
N THR A 139 -23.59 -11.59 -4.36
CA THR A 139 -23.12 -12.88 -4.88
C THR A 139 -23.03 -13.94 -3.76
N PHE A 140 -22.61 -13.49 -2.58
CA PHE A 140 -22.52 -14.38 -1.43
C PHE A 140 -23.90 -14.91 -1.06
N ALA A 141 -24.90 -14.05 -1.09
CA ALA A 141 -26.27 -14.41 -0.75
C ALA A 141 -27.00 -15.24 -1.81
N VAL A 142 -26.72 -14.95 -3.08
CA VAL A 142 -27.52 -15.46 -4.20
C VAL A 142 -26.85 -16.59 -4.97
N ASP A 143 -25.54 -16.47 -5.19
CA ASP A 143 -24.78 -17.47 -5.95
C ASP A 143 -24.41 -18.67 -5.08
N GLU A 144 -24.85 -19.84 -5.52
CA GLU A 144 -24.71 -21.10 -4.79
C GLU A 144 -23.25 -21.55 -4.75
N THR A 145 -22.53 -21.31 -5.83
CA THR A 145 -21.12 -21.69 -5.96
C THR A 145 -20.13 -20.53 -5.66
N SER A 146 -20.61 -19.48 -5.01
CA SER A 146 -19.76 -18.37 -4.61
C SER A 146 -18.66 -18.84 -3.66
N VAL A 147 -19.04 -19.72 -2.73
CA VAL A 147 -18.09 -20.36 -1.82
C VAL A 147 -18.43 -21.84 -1.63
N SER A 148 -17.56 -22.58 -0.95
CA SER A 148 -17.62 -24.04 -0.93
C SER A 148 -18.64 -24.68 -0.01
N GLY A 149 -19.37 -23.92 0.79
CA GLY A 149 -20.33 -24.57 1.67
C GLY A 149 -19.74 -24.82 3.04
N TYR A 150 -18.55 -25.43 3.09
CA TYR A 150 -17.79 -25.43 4.34
C TYR A 150 -17.43 -23.99 4.71
N ILE A 151 -16.83 -23.27 3.76
CA ILE A 151 -16.45 -21.87 3.96
C ILE A 151 -17.68 -20.99 4.18
N TYR A 152 -18.78 -21.32 3.52
CA TYR A 152 -20.04 -20.62 3.75
C TYR A 152 -20.39 -20.67 5.23
N HIS A 153 -20.39 -21.88 5.80
CA HIS A 153 -20.75 -22.07 7.20
C HIS A 153 -19.73 -21.43 8.14
N LYS A 154 -18.44 -21.57 7.82
CA LYS A 154 -17.38 -21.05 8.69
C LYS A 154 -17.34 -19.53 8.70
N LEU A 155 -17.68 -18.91 7.57
CA LEU A 155 -17.69 -17.45 7.47
C LEU A 155 -18.88 -16.87 8.23
N LEU A 156 -19.99 -17.60 8.31
CA LEU A 156 -21.17 -17.12 9.03
C LEU A 156 -21.13 -17.48 10.52
N GLY A 157 -20.10 -18.21 10.96
CA GLY A 157 -19.92 -18.53 12.37
C GLY A 157 -20.72 -19.74 12.82
N HIS A 158 -21.16 -20.54 11.87
CA HIS A 158 -21.90 -21.76 12.17
C HIS A 158 -20.94 -22.81 12.70
N GLU A 159 -21.48 -23.78 13.42
CA GLU A 159 -20.70 -24.93 13.82
C GLU A 159 -20.61 -25.88 12.63
N VAL A 160 -19.38 -26.21 12.25
CA VAL A 160 -19.12 -27.07 11.09
C VAL A 160 -18.13 -28.17 11.46
N GLU A 161 -18.42 -29.40 11.05
CA GLU A 161 -17.46 -30.50 11.16
C GLU A 161 -16.26 -30.15 10.27
N ASP A 162 -15.07 -30.35 10.82
CA ASP A 162 -13.83 -30.01 10.11
C ASP A 162 -13.70 -30.80 8.81
N VAL A 163 -13.15 -30.16 7.78
CA VAL A 163 -12.87 -30.82 6.52
C VAL A 163 -11.37 -30.81 6.26
N ILE A 164 -10.85 -31.95 5.81
CA ILE A 164 -9.45 -32.06 5.41
C ILE A 164 -9.40 -32.03 3.88
N ILE A 165 -8.85 -30.95 3.33
CA ILE A 165 -8.61 -30.85 1.90
C ILE A 165 -7.50 -31.84 1.52
N LYS A 166 -7.86 -32.88 0.77
CA LYS A 166 -6.89 -33.86 0.30
C LYS A 166 -6.09 -33.30 -0.87
N CYS A 167 -4.77 -33.47 -0.79
CA CYS A 167 -3.87 -33.09 -1.87
C CYS A 167 -2.49 -33.72 -1.66
N GLN A 168 -1.78 -33.98 -2.76
CA GLN A 168 -0.40 -34.44 -2.67
C GLN A 168 0.50 -33.28 -2.25
N LEU A 169 1.00 -33.34 -1.02
CA LEU A 169 1.92 -32.34 -0.52
C LEU A 169 3.26 -32.47 -1.26
N PRO A 170 4.07 -31.42 -1.25
CA PRO A 170 5.42 -31.51 -1.81
C PRO A 170 6.32 -32.29 -0.85
N LYS A 171 7.43 -32.82 -1.36
CA LYS A 171 8.41 -33.48 -0.50
C LYS A 171 8.99 -32.47 0.48
N ARG A 172 9.41 -31.31 -0.04
CA ARG A 172 9.94 -30.23 0.80
C ARG A 172 9.21 -28.91 0.50
N PHE A 173 8.91 -28.16 1.56
CA PHE A 173 7.97 -27.05 1.48
C PHE A 173 8.57 -25.70 1.05
N THR A 174 9.87 -25.53 1.24
CA THR A 174 10.57 -24.33 0.76
C THR A 174 10.40 -24.20 -0.76
N ALA A 175 10.15 -22.99 -1.22
CA ALA A 175 10.06 -22.70 -2.65
C ALA A 175 11.43 -22.24 -3.16
N GLN A 176 11.73 -22.58 -4.41
CA GLN A 176 13.07 -22.42 -5.00
C GLN A 176 13.71 -21.06 -4.78
N GLY A 177 13.10 -20.01 -5.35
CA GLY A 177 13.69 -18.68 -5.35
C GLY A 177 13.39 -17.81 -4.14
N LEU A 178 12.91 -18.42 -3.06
CA LEU A 178 12.63 -17.70 -1.81
C LEU A 178 13.46 -18.29 -0.67
N PRO A 179 13.60 -17.56 0.43
CA PRO A 179 14.38 -18.03 1.59
C PRO A 179 14.00 -19.42 2.11
N ASP A 180 14.97 -20.10 2.72
CA ASP A 180 14.73 -21.39 3.36
C ASP A 180 13.83 -21.19 4.58
N LEU A 181 12.69 -21.86 4.59
CA LEU A 181 11.68 -21.64 5.61
C LEU A 181 12.11 -22.13 7.00
N ASN A 182 11.60 -21.44 8.03
CA ASN A 182 11.65 -21.91 9.42
C ASN A 182 10.89 -23.21 9.60
N HIS A 183 10.95 -23.75 10.81
CA HIS A 183 10.04 -24.82 11.19
C HIS A 183 8.61 -24.27 11.30
N SER A 184 8.48 -23.05 11.81
CA SER A 184 7.18 -22.38 11.96
C SER A 184 6.51 -22.05 10.63
N GLN A 185 7.32 -21.61 9.67
CA GLN A 185 6.84 -21.31 8.33
C GLN A 185 6.60 -22.60 7.53
N VAL A 186 7.44 -23.60 7.73
CA VAL A 186 7.26 -24.91 7.09
C VAL A 186 5.96 -25.52 7.57
N TYR A 187 5.69 -25.35 8.87
CA TYR A 187 4.46 -25.81 9.48
C TYR A 187 3.28 -25.05 8.88
N ALA A 188 3.44 -23.74 8.73
CA ALA A 188 2.37 -22.89 8.22
C ALA A 188 1.95 -23.29 6.81
N VAL A 189 2.92 -23.64 5.96
CA VAL A 189 2.65 -24.04 4.58
C VAL A 189 2.01 -25.41 4.53
N LYS A 190 2.55 -26.34 5.31
CA LYS A 190 2.06 -27.71 5.36
C LYS A 190 0.62 -27.77 5.87
N THR A 191 0.32 -26.96 6.88
CA THR A 191 -1.00 -26.94 7.50
C THR A 191 -2.02 -26.27 6.57
N VAL A 192 -1.60 -25.17 5.96
CA VAL A 192 -2.46 -24.35 5.11
C VAL A 192 -2.93 -25.11 3.87
N LEU A 193 -2.05 -25.92 3.30
CA LEU A 193 -2.36 -26.66 2.07
C LEU A 193 -3.45 -27.72 2.25
N GLN A 194 -3.69 -28.14 3.50
CA GLN A 194 -4.68 -29.17 3.81
C GLN A 194 -5.93 -28.66 4.55
N ARG A 195 -6.01 -27.35 4.79
CA ARG A 195 -7.20 -26.75 5.39
C ARG A 195 -7.95 -25.95 4.33
N PRO A 196 -9.28 -25.98 4.39
CA PRO A 196 -10.08 -25.11 3.52
C PRO A 196 -10.04 -23.63 3.94
N LEU A 197 -9.74 -23.34 5.20
CA LEU A 197 -9.64 -21.96 5.67
C LEU A 197 -8.58 -21.83 6.77
N SER A 198 -7.70 -20.84 6.61
CA SER A 198 -6.60 -20.61 7.56
C SER A 198 -6.28 -19.12 7.69
N LEU A 199 -5.88 -18.73 8.90
CA LEU A 199 -5.33 -17.41 9.15
C LEU A 199 -3.86 -17.55 9.54
N ILE A 200 -3.00 -16.67 9.01
CA ILE A 200 -1.59 -16.61 9.42
C ILE A 200 -1.30 -15.23 10.02
N GLN A 201 -0.89 -15.23 11.28
CA GLN A 201 -0.61 -14.01 12.03
C GLN A 201 0.89 -13.90 12.30
N GLY A 202 1.37 -12.68 12.52
CA GLY A 202 2.78 -12.50 12.85
C GLY A 202 3.29 -11.06 12.84
N PRO A 203 4.20 -10.71 13.74
CA PRO A 203 4.78 -9.36 13.77
C PRO A 203 5.57 -9.03 12.50
N PRO A 204 6.04 -7.78 12.40
CA PRO A 204 6.84 -7.36 11.24
C PRO A 204 8.10 -8.20 11.01
N GLY A 205 8.36 -8.48 9.74
CA GLY A 205 9.57 -9.14 9.30
C GLY A 205 9.63 -10.63 9.56
N THR A 206 8.49 -11.24 9.93
CA THR A 206 8.45 -12.66 10.29
C THR A 206 8.13 -13.58 9.11
N GLY A 207 8.19 -13.05 7.89
CA GLY A 207 8.07 -13.87 6.68
C GLY A 207 6.66 -14.23 6.27
N LYS A 208 5.68 -13.41 6.66
CA LYS A 208 4.28 -13.63 6.26
C LYS A 208 4.11 -13.56 4.74
N THR A 209 4.68 -12.54 4.12
CA THR A 209 4.58 -12.36 2.68
C THR A 209 5.38 -13.42 1.91
N VAL A 210 6.56 -13.79 2.41
CA VAL A 210 7.37 -14.85 1.82
C VAL A 210 6.65 -16.20 1.96
N THR A 211 6.04 -16.42 3.12
CA THR A 211 5.32 -17.65 3.39
C THR A 211 4.08 -17.74 2.50
N SER A 212 3.45 -16.60 2.26
CA SER A 212 2.29 -16.54 1.37
C SER A 212 2.70 -16.86 -0.06
N ALA A 213 3.81 -16.28 -0.49
CA ALA A 213 4.35 -16.56 -1.82
C ALA A 213 4.64 -18.04 -1.97
N THR A 214 5.15 -18.66 -0.91
CA THR A 214 5.48 -20.09 -0.89
C THR A 214 4.24 -20.96 -0.98
N ILE A 215 3.18 -20.54 -0.30
CA ILE A 215 1.91 -21.26 -0.31
C ILE A 215 1.32 -21.21 -1.71
N VAL A 216 1.35 -20.02 -2.31
CA VAL A 216 0.78 -19.80 -3.65
C VAL A 216 1.54 -20.61 -4.69
N TYR A 217 2.82 -20.86 -4.44
CA TYR A 217 3.65 -21.66 -5.34
C TYR A 217 3.17 -23.11 -5.38
N HIS A 218 2.90 -23.69 -4.22
CA HIS A 218 2.44 -25.07 -4.13
C HIS A 218 1.00 -25.26 -4.59
N LEU A 219 0.14 -24.26 -4.32
CA LEU A 219 -1.24 -24.27 -4.81
C LEU A 219 -1.29 -24.18 -6.32
N ALA A 220 -0.30 -23.53 -6.91
CA ALA A 220 -0.18 -23.42 -8.35
C ALA A 220 0.31 -24.72 -8.99
N ARG A 221 1.15 -25.47 -8.25
CA ARG A 221 1.70 -26.75 -8.73
C ARG A 221 0.66 -27.87 -8.70
N GLN A 222 -0.49 -27.60 -8.11
CA GLN A 222 -1.64 -28.49 -8.25
C GLN A 222 -2.25 -28.29 -9.64
N GLY A 223 -3.14 -29.20 -10.03
CA GLY A 223 -3.76 -29.14 -11.35
C GLY A 223 -4.93 -28.19 -11.50
N ASN A 224 -5.08 -27.25 -10.56
CA ASN A 224 -6.22 -26.33 -10.56
C ASN A 224 -6.01 -25.17 -11.52
N GLY A 225 -6.99 -24.27 -11.59
CA GLY A 225 -6.89 -23.07 -12.40
C GLY A 225 -5.95 -22.06 -11.77
N PRO A 226 -6.02 -20.80 -12.21
CA PRO A 226 -5.17 -19.75 -11.63
C PRO A 226 -5.50 -19.45 -10.17
N VAL A 227 -4.47 -19.36 -9.33
CA VAL A 227 -4.63 -18.95 -7.94
C VAL A 227 -4.86 -17.44 -7.89
N LEU A 228 -5.79 -17.00 -7.04
CA LEU A 228 -6.05 -15.57 -6.87
C LEU A 228 -5.39 -15.07 -5.60
N VAL A 229 -4.53 -14.07 -5.75
CA VAL A 229 -3.81 -13.46 -4.63
C VAL A 229 -4.18 -11.98 -4.54
N CYS A 230 -4.50 -11.52 -3.33
CA CYS A 230 -4.94 -10.15 -3.13
C CYS A 230 -4.32 -9.51 -1.89
N ALA A 231 -4.38 -8.19 -1.88
CA ALA A 231 -4.15 -7.40 -0.68
C ALA A 231 -4.94 -6.09 -0.85
N PRO A 232 -5.32 -5.42 0.23
CA PRO A 232 -6.12 -4.19 0.11
C PRO A 232 -5.43 -3.05 -0.67
N SER A 233 -4.13 -2.84 -0.45
CA SER A 233 -3.41 -1.75 -1.11
C SER A 233 -2.55 -2.22 -2.28
N ASN A 234 -2.38 -1.36 -3.28
CA ASN A 234 -1.49 -1.63 -4.42
C ASN A 234 -0.05 -1.90 -4.00
N ILE A 235 0.41 -1.23 -2.95
CA ILE A 235 1.79 -1.38 -2.47
C ILE A 235 2.02 -2.79 -1.94
N ALA A 236 1.08 -3.28 -1.13
CA ALA A 236 1.18 -4.62 -0.54
C ALA A 236 1.09 -5.73 -1.59
N VAL A 237 0.33 -5.49 -2.65
CA VAL A 237 0.17 -6.46 -3.75
C VAL A 237 1.44 -6.55 -4.59
N ASP A 238 2.14 -5.44 -4.77
CA ASP A 238 3.41 -5.42 -5.50
C ASP A 238 4.48 -6.19 -4.76
N GLN A 239 4.45 -6.10 -3.43
CA GLN A 239 5.37 -6.84 -2.57
C GLN A 239 5.18 -8.33 -2.76
N LEU A 240 3.92 -8.74 -2.86
CA LEU A 240 3.57 -10.15 -2.97
C LEU A 240 3.77 -10.65 -4.39
N THR A 241 3.50 -9.80 -5.37
CA THR A 241 3.69 -10.13 -6.79
C THR A 241 5.16 -10.44 -7.06
N GLU A 242 6.05 -9.69 -6.41
CA GLU A 242 7.48 -9.84 -6.61
C GLU A 242 7.98 -11.16 -6.06
N LYS A 243 7.55 -11.50 -4.85
CA LYS A 243 7.97 -12.74 -4.21
C LYS A 243 7.48 -13.96 -5.00
N ILE A 244 6.28 -13.86 -5.56
CA ILE A 244 5.69 -14.96 -6.35
C ILE A 244 6.42 -15.11 -7.68
N HIS A 245 6.79 -13.97 -8.28
CA HIS A 245 7.57 -13.97 -9.51
C HIS A 245 8.90 -14.70 -9.32
N GLN A 246 9.46 -14.60 -8.10
CA GLN A 246 10.74 -15.24 -7.77
C GLN A 246 10.67 -16.77 -7.77
N THR A 247 9.49 -17.35 -7.58
CA THR A 247 9.34 -18.80 -7.64
C THR A 247 9.27 -19.34 -9.07
N GLY A 248 9.02 -18.45 -10.04
CA GLY A 248 9.02 -18.81 -11.45
C GLY A 248 7.65 -19.07 -12.03
N LEU A 249 6.59 -18.71 -11.30
CA LEU A 249 5.23 -18.86 -11.81
C LEU A 249 4.89 -17.80 -12.86
N LYS A 250 3.95 -18.16 -13.74
CA LYS A 250 3.39 -17.22 -14.71
C LYS A 250 2.42 -16.29 -13.97
N VAL A 251 2.84 -15.05 -13.75
CA VAL A 251 2.05 -14.09 -12.97
C VAL A 251 1.45 -13.03 -13.89
N VAL A 252 0.23 -12.60 -13.55
CA VAL A 252 -0.38 -11.44 -14.16
C VAL A 252 -0.80 -10.50 -13.05
N ARG A 253 -0.33 -9.26 -13.11
CA ARG A 253 -0.70 -8.24 -12.14
C ARG A 253 -1.82 -7.41 -12.76
N LEU A 254 -3.04 -7.62 -12.30
CA LEU A 254 -4.18 -6.81 -12.74
C LEU A 254 -4.24 -5.52 -11.94
N CYS A 255 -4.41 -4.41 -12.64
CA CYS A 255 -4.70 -3.12 -11.99
C CYS A 255 -5.79 -2.39 -12.75
N ALA A 256 -6.43 -1.43 -12.10
CA ALA A 256 -7.43 -0.58 -12.76
C ALA A 256 -6.87 0.03 -14.05
N LYS A 257 -7.77 0.36 -14.97
CA LYS A 257 -7.40 0.83 -16.30
C LYS A 257 -6.64 2.17 -16.29
N SER A 258 -6.91 3.00 -15.29
CA SER A 258 -6.28 4.32 -15.21
C SER A 258 -4.90 4.32 -14.53
N ARG A 259 -4.55 3.21 -13.87
CA ARG A 259 -3.30 3.09 -13.12
C ARG A 259 -2.22 2.33 -13.91
N GLU A 260 -2.15 2.59 -15.21
CA GLU A 260 -1.16 1.98 -16.10
C GLU A 260 0.13 2.80 -16.18
N ALA A 261 0.09 4.03 -15.66
CA ALA A 261 1.27 4.89 -15.58
C ALA A 261 2.12 4.62 -14.34
N ILE A 262 1.68 3.68 -13.50
CA ILE A 262 2.41 3.33 -12.29
C ILE A 262 3.68 2.56 -12.67
N ASP A 263 4.72 2.71 -11.85
CA ASP A 263 5.99 2.02 -12.09
C ASP A 263 6.55 1.44 -10.78
N SER A 264 6.49 0.11 -10.66
CA SER A 264 7.04 -0.65 -9.54
C SER A 264 8.08 -1.64 -10.08
N PRO A 265 8.81 -2.33 -9.20
CA PRO A 265 9.79 -3.35 -9.63
C PRO A 265 9.24 -4.47 -10.53
N VAL A 266 7.93 -4.73 -10.45
CA VAL A 266 7.29 -5.74 -11.28
C VAL A 266 6.13 -5.15 -12.10
N SER A 267 6.31 -3.91 -12.56
CA SER A 267 5.33 -3.24 -13.40
C SER A 267 5.18 -3.94 -14.73
N PHE A 268 6.27 -4.52 -15.21
CA PHE A 268 6.29 -5.27 -16.48
C PHE A 268 5.39 -6.50 -16.46
N LEU A 269 5.08 -7.00 -15.25
CA LEU A 269 4.14 -8.09 -15.06
C LEU A 269 2.67 -7.67 -15.19
N ALA A 270 2.41 -6.36 -15.24
CA ALA A 270 1.03 -5.85 -15.34
C ALA A 270 0.38 -6.22 -16.67
N LEU A 271 -0.94 -6.37 -16.64
CA LEU A 271 -1.70 -6.86 -17.79
C LEU A 271 -1.57 -5.93 -18.99
N HIS A 272 -1.65 -4.63 -18.74
CA HIS A 272 -1.55 -3.64 -19.81
C HIS A 272 -0.18 -3.67 -20.50
N ASN A 273 0.88 -3.93 -19.74
CA ASN A 273 2.23 -4.08 -20.29
C ASN A 273 2.44 -5.41 -21.03
N GLN A 274 1.92 -6.51 -20.46
CA GLN A 274 2.03 -7.82 -21.09
C GLN A 274 1.31 -7.88 -22.43
N ILE A 275 0.25 -7.08 -22.56
CA ILE A 275 -0.58 -7.05 -23.77
C ILE A 275 0.10 -6.28 -24.91
N ARG A 276 0.85 -5.24 -24.57
CA ARG A 276 1.67 -4.52 -25.54
C ARG A 276 2.67 -5.46 -26.20
N ASN A 277 3.16 -6.43 -25.44
CA ASN A 277 4.16 -7.39 -25.91
C ASN A 277 3.56 -8.73 -26.36
N MET A 278 2.34 -8.71 -26.87
CA MET A 278 1.71 -9.93 -27.40
C MET A 278 2.32 -10.26 -28.76
N ASP A 279 3.19 -11.27 -28.76
CA ASP A 279 3.80 -11.77 -30.00
C ASP A 279 2.83 -12.71 -30.75
N SER A 280 1.84 -13.23 -30.04
CA SER A 280 0.87 -14.17 -30.61
C SER A 280 -0.34 -13.47 -31.28
N MET A 281 -0.49 -12.17 -31.05
CA MET A 281 -1.62 -11.40 -31.59
C MET A 281 -1.19 -10.10 -32.31
N PRO A 282 -0.27 -10.19 -33.28
CA PRO A 282 0.05 -9.04 -34.14
C PRO A 282 -1.11 -8.57 -35.03
N GLU A 283 -1.84 -7.58 -34.52
CA GLU A 283 -2.99 -6.95 -35.17
C GLU A 283 -3.56 -5.91 -34.20
N LEU A 284 -3.64 -6.30 -32.92
CA LEU A 284 -3.77 -5.36 -31.82
C LEU A 284 -2.46 -4.58 -31.67
N GLN A 285 -1.36 -5.22 -32.05
CA GLN A 285 -0.04 -4.59 -32.15
C GLN A 285 -0.03 -3.45 -33.18
N LYS A 286 -0.58 -3.72 -34.36
CA LYS A 286 -0.69 -2.70 -35.41
C LYS A 286 -1.59 -1.54 -34.98
N LEU A 287 -2.68 -1.87 -34.29
CA LEU A 287 -3.63 -0.86 -33.83
C LEU A 287 -3.09 -0.03 -32.66
N GLN A 288 -2.21 -0.62 -31.86
CA GLN A 288 -1.66 0.07 -30.68
C GLN A 288 -0.68 1.15 -31.12
N GLN A 289 0.08 0.86 -32.18
CA GLN A 289 0.95 1.85 -32.82
C GLN A 289 0.13 2.98 -33.43
N LEU A 290 -1.07 2.68 -33.91
CA LEU A 290 -1.96 3.69 -34.51
C LEU A 290 -2.42 4.75 -33.50
N LYS A 291 -2.79 4.32 -32.30
CA LYS A 291 -3.25 5.23 -31.25
C LYS A 291 -2.13 6.15 -30.77
N ASP A 292 -0.88 5.66 -30.86
CA ASP A 292 0.29 6.45 -30.50
C ASP A 292 0.56 7.56 -31.53
N GLU A 293 0.76 7.17 -32.79
CA GLU A 293 1.10 8.12 -33.87
C GLU A 293 0.10 9.29 -33.92
N SER A 298 -8.56 5.98 -35.06
CA SER A 298 -9.80 6.59 -35.52
C SER A 298 -10.98 6.16 -34.62
N SER A 299 -12.18 6.07 -35.20
CA SER A 299 -13.39 5.69 -34.45
C SER A 299 -13.77 4.23 -34.67
N ALA A 300 -13.68 3.77 -35.91
CA ALA A 300 -13.93 2.36 -36.24
C ALA A 300 -12.83 1.48 -35.66
N ASP A 301 -11.58 1.92 -35.81
CA ASP A 301 -10.42 1.21 -35.25
C ASP A 301 -10.41 1.21 -33.72
N GLU A 302 -11.24 2.05 -33.10
CA GLU A 302 -11.35 2.12 -31.64
C GLU A 302 -12.15 0.95 -31.07
N LYS A 303 -13.28 0.64 -31.70
CA LYS A 303 -14.13 -0.49 -31.26
C LYS A 303 -13.48 -1.84 -31.54
N ARG A 304 -12.65 -1.91 -32.57
CA ARG A 304 -11.94 -3.15 -32.91
C ARG A 304 -10.75 -3.36 -31.97
N TYR A 305 -9.99 -2.30 -31.74
CA TYR A 305 -8.87 -2.30 -30.79
C TYR A 305 -9.34 -2.65 -29.38
N ARG A 306 -10.55 -2.23 -29.05
CA ARG A 306 -11.14 -2.45 -27.74
C ARG A 306 -11.45 -3.93 -27.52
N ALA A 307 -12.13 -4.52 -28.50
CA ALA A 307 -12.50 -5.93 -28.44
C ALA A 307 -11.29 -6.86 -28.60
N LEU A 308 -10.25 -6.36 -29.27
CA LEU A 308 -9.01 -7.12 -29.45
C LEU A 308 -8.23 -7.19 -28.15
N LYS A 309 -8.29 -6.10 -27.37
CA LYS A 309 -7.63 -6.02 -26.08
C LYS A 309 -8.39 -6.86 -25.06
N ARG A 310 -9.72 -6.91 -25.20
CA ARG A 310 -10.58 -7.72 -24.35
C ARG A 310 -10.28 -9.22 -24.53
N THR A 311 -9.92 -9.60 -25.74
CA THR A 311 -9.59 -10.99 -26.08
C THR A 311 -8.22 -11.37 -25.52
N ALA A 312 -7.26 -10.47 -25.66
CA ALA A 312 -5.90 -10.68 -25.16
C ALA A 312 -5.85 -10.76 -23.62
N GLU A 313 -6.70 -9.97 -22.96
CA GLU A 313 -6.82 -10.00 -21.51
C GLU A 313 -7.34 -11.36 -21.06
N ARG A 314 -8.44 -11.79 -21.67
CA ARG A 314 -9.03 -13.10 -21.40
C ARG A 314 -8.02 -14.25 -21.53
N GLU A 315 -7.10 -14.13 -22.49
CA GLU A 315 -6.12 -15.18 -22.76
C GLU A 315 -5.06 -15.27 -21.66
N LEU A 316 -4.49 -14.14 -21.28
CA LEU A 316 -3.44 -14.10 -20.26
C LEU A 316 -4.02 -14.38 -18.87
N LEU A 317 -5.25 -13.93 -18.63
CA LEU A 317 -5.90 -14.09 -17.34
C LEU A 317 -6.27 -15.55 -17.09
N MET A 318 -6.88 -16.19 -18.09
CA MET A 318 -7.34 -17.58 -17.97
C MET A 318 -6.18 -18.58 -18.04
N ASN A 319 -5.04 -18.17 -18.57
CA ASN A 319 -3.88 -19.06 -18.74
C ASN A 319 -2.75 -18.82 -17.73
N ALA A 320 -2.96 -17.90 -16.78
CA ALA A 320 -1.95 -17.59 -15.76
C ALA A 320 -1.93 -18.65 -14.66
N ASP A 321 -0.79 -18.78 -13.99
CA ASP A 321 -0.69 -19.57 -12.78
C ASP A 321 -1.21 -18.78 -11.58
N VAL A 322 -0.88 -17.49 -11.53
CA VAL A 322 -1.30 -16.60 -10.44
C VAL A 322 -1.79 -15.28 -10.99
N ILE A 323 -2.87 -14.76 -10.41
CA ILE A 323 -3.39 -13.44 -10.72
C ILE A 323 -3.33 -12.60 -9.46
N CYS A 324 -2.51 -11.57 -9.48
CA CYS A 324 -2.35 -10.67 -8.36
C CYS A 324 -3.13 -9.40 -8.60
N CYS A 325 -3.94 -9.02 -7.63
CA CYS A 325 -4.69 -7.78 -7.72
C CYS A 325 -5.10 -7.29 -6.34
N THR A 326 -5.52 -6.04 -6.28
CA THR A 326 -6.10 -5.46 -5.09
C THR A 326 -7.42 -6.19 -4.76
N CYS A 327 -7.83 -6.19 -3.49
CA CYS A 327 -9.09 -6.84 -3.08
C CYS A 327 -10.25 -6.30 -3.89
N VAL A 328 -10.35 -4.97 -3.94
CA VAL A 328 -11.40 -4.26 -4.68
C VAL A 328 -11.25 -4.51 -6.17
N GLY A 329 -10.01 -4.65 -6.62
CA GLY A 329 -9.69 -4.90 -8.02
C GLY A 329 -10.04 -6.30 -8.48
N ALA A 330 -10.36 -7.21 -7.55
CA ALA A 330 -10.80 -8.55 -7.90
C ALA A 330 -12.21 -8.54 -8.48
N GLY A 331 -12.97 -7.49 -8.18
CA GLY A 331 -14.29 -7.31 -8.75
C GLY A 331 -14.29 -6.67 -10.12
N ASP A 332 -13.10 -6.53 -10.71
CA ASP A 332 -12.94 -5.98 -12.05
C ASP A 332 -13.74 -6.80 -13.07
N PRO A 333 -14.47 -6.13 -13.96
CA PRO A 333 -15.26 -6.82 -14.99
C PRO A 333 -14.47 -7.83 -15.84
N ARG A 334 -13.17 -7.61 -16.02
CA ARG A 334 -12.30 -8.53 -16.76
C ARG A 334 -12.11 -9.87 -16.03
N LEU A 335 -12.30 -9.87 -14.72
CA LEU A 335 -12.30 -11.10 -13.93
C LEU A 335 -13.70 -11.71 -13.74
N ALA A 336 -14.69 -11.14 -14.42
CA ALA A 336 -16.05 -11.67 -14.36
C ALA A 336 -16.10 -12.97 -15.15
N LYS A 337 -17.03 -13.84 -14.76
CA LYS A 337 -17.15 -15.17 -15.37
C LYS A 337 -16.01 -16.10 -14.96
N MET A 338 -14.99 -15.59 -14.28
CA MET A 338 -13.89 -16.43 -13.80
C MET A 338 -14.15 -16.84 -12.36
N GLN A 339 -13.63 -18.01 -12.02
CA GLN A 339 -13.79 -18.61 -10.71
C GLN A 339 -12.41 -19.04 -10.20
N PHE A 340 -12.20 -18.95 -8.89
CA PHE A 340 -10.89 -19.20 -8.29
C PHE A 340 -11.03 -20.15 -7.11
N ARG A 341 -10.41 -21.32 -7.27
CA ARG A 341 -10.46 -22.38 -6.27
C ARG A 341 -9.70 -21.99 -5.01
N SER A 342 -8.46 -21.52 -5.19
CA SER A 342 -7.62 -21.11 -4.08
C SER A 342 -7.46 -19.60 -4.08
N ILE A 343 -7.53 -19.01 -2.89
CA ILE A 343 -7.45 -17.55 -2.72
C ILE A 343 -6.67 -17.21 -1.46
N LEU A 344 -5.64 -16.38 -1.60
CA LEU A 344 -4.86 -15.88 -0.46
C LEU A 344 -4.88 -14.36 -0.42
N ILE A 345 -5.05 -13.79 0.77
CA ILE A 345 -5.08 -12.33 0.94
C ILE A 345 -4.07 -11.91 1.98
N ASP A 346 -2.94 -11.36 1.54
CA ASP A 346 -1.95 -10.78 2.44
C ASP A 346 -2.48 -9.44 2.94
N GLU A 347 -2.06 -9.04 4.14
CA GLU A 347 -2.42 -7.73 4.68
C GLU A 347 -3.92 -7.60 4.88
N SER A 348 -4.58 -8.74 5.09
CA SER A 348 -6.04 -8.80 5.18
C SER A 348 -6.62 -7.96 6.32
N THR A 349 -5.81 -7.74 7.36
CA THR A 349 -6.22 -6.92 8.51
C THR A 349 -6.27 -5.43 8.19
N GLN A 350 -5.84 -5.05 6.99
CA GLN A 350 -5.87 -3.66 6.55
C GLN A 350 -7.13 -3.33 5.76
N ALA A 351 -8.04 -4.29 5.60
CA ALA A 351 -9.24 -4.13 4.81
C ALA A 351 -10.50 -4.27 5.65
N THR A 352 -11.54 -3.53 5.30
CA THR A 352 -12.88 -3.79 5.85
C THR A 352 -13.35 -5.12 5.32
N GLU A 353 -14.31 -5.71 6.01
CA GLU A 353 -14.76 -7.05 5.66
C GLU A 353 -15.41 -7.15 4.27
N PRO A 354 -16.28 -6.21 3.90
CA PRO A 354 -16.90 -6.23 2.56
C PRO A 354 -15.90 -6.07 1.41
N GLU A 355 -14.86 -5.26 1.62
CA GLU A 355 -13.76 -5.10 0.66
C GLU A 355 -13.02 -6.43 0.50
N CYS A 356 -12.70 -7.05 1.62
CA CYS A 356 -12.01 -8.33 1.66
C CYS A 356 -12.85 -9.47 1.08
N MET A 357 -14.17 -9.28 1.04
CA MET A 357 -15.10 -10.31 0.55
C MET A 357 -15.23 -10.32 -0.98
N VAL A 358 -14.74 -9.26 -1.63
CA VAL A 358 -14.83 -9.14 -3.08
C VAL A 358 -14.16 -10.30 -3.83
N PRO A 359 -12.94 -10.68 -3.46
CA PRO A 359 -12.30 -11.85 -4.06
C PRO A 359 -12.88 -13.18 -3.59
N VAL A 360 -13.25 -13.24 -2.31
CA VAL A 360 -13.65 -14.48 -1.66
C VAL A 360 -14.83 -15.14 -2.39
N VAL A 361 -15.81 -14.33 -2.78
CA VAL A 361 -17.04 -14.81 -3.43
C VAL A 361 -16.88 -15.28 -4.89
N LEU A 362 -15.66 -15.23 -5.43
CA LEU A 362 -15.40 -15.76 -6.77
C LEU A 362 -15.00 -17.24 -6.74
N GLY A 363 -15.71 -18.04 -5.94
CA GLY A 363 -15.59 -19.49 -5.96
C GLY A 363 -14.67 -20.13 -4.95
N ALA A 364 -14.36 -19.43 -3.88
CA ALA A 364 -13.39 -19.90 -2.88
C ALA A 364 -13.74 -21.27 -2.30
N LYS A 365 -12.80 -22.22 -2.40
CA LYS A 365 -12.88 -23.51 -1.72
C LYS A 365 -11.75 -23.68 -0.69
N GLN A 366 -10.65 -23.00 -0.94
CA GLN A 366 -9.53 -22.90 0.01
C GLN A 366 -9.18 -21.43 0.13
N LEU A 367 -9.17 -20.91 1.36
CA LEU A 367 -8.99 -19.48 1.60
C LEU A 367 -7.94 -19.28 2.69
N ILE A 368 -6.94 -18.46 2.37
CA ILE A 368 -5.87 -18.13 3.31
C ILE A 368 -5.96 -16.64 3.58
N LEU A 369 -5.90 -16.26 4.84
CA LEU A 369 -5.88 -14.85 5.23
C LEU A 369 -4.67 -14.60 6.10
N VAL A 370 -3.83 -13.66 5.69
CA VAL A 370 -2.61 -13.31 6.40
C VAL A 370 -2.74 -11.89 6.91
N GLY A 371 -2.38 -11.65 8.16
CA GLY A 371 -2.51 -10.33 8.75
C GLY A 371 -1.75 -10.08 10.03
N ASP A 372 -1.77 -8.82 10.46
CA ASP A 372 -1.20 -8.38 11.71
C ASP A 372 -2.01 -7.14 12.15
N HIS A 373 -2.85 -7.29 13.17
CA HIS A 373 -3.76 -6.21 13.56
C HIS A 373 -3.06 -5.07 14.30
N CYS A 374 -1.77 -5.24 14.60
CA CYS A 374 -0.94 -4.17 15.15
C CYS A 374 -0.31 -3.28 14.07
N GLN A 375 -0.44 -3.68 12.81
CA GLN A 375 -0.01 -2.86 11.67
C GLN A 375 -1.24 -2.19 11.04
N LEU A 376 -1.09 -1.63 9.85
CA LEU A 376 -2.14 -0.76 9.28
C LEU A 376 -3.51 -1.43 9.19
N GLY A 377 -4.52 -0.76 9.73
CA GLY A 377 -5.88 -1.25 9.73
C GLY A 377 -6.71 -0.61 8.63
N PRO A 378 -8.01 -0.91 8.60
CA PRO A 378 -8.90 -0.32 7.60
C PRO A 378 -9.04 1.18 7.75
N VAL A 379 -9.24 1.87 6.62
CA VAL A 379 -9.50 3.30 6.60
C VAL A 379 -10.99 3.54 6.36
N VAL A 380 -11.69 3.90 7.43
CA VAL A 380 -13.12 4.22 7.36
C VAL A 380 -13.33 5.69 7.71
N MET A 381 -13.63 6.48 6.69
CA MET A 381 -13.89 7.92 6.85
C MET A 381 -15.09 8.21 7.73
N CYS A 382 -16.19 7.48 7.53
CA CYS A 382 -17.45 7.74 8.20
C CYS A 382 -17.46 7.11 9.59
N LYS A 383 -17.41 7.95 10.63
CA LYS A 383 -17.39 7.49 12.01
C LYS A 383 -18.65 6.71 12.41
N LYS A 384 -19.77 7.00 11.76
CA LYS A 384 -21.01 6.29 12.03
C LYS A 384 -20.95 4.84 11.54
N ALA A 385 -20.46 4.64 10.32
CA ALA A 385 -20.25 3.29 9.78
C ALA A 385 -19.25 2.51 10.61
N ALA A 386 -18.13 3.15 10.93
CA ALA A 386 -17.07 2.55 11.76
C ALA A 386 -17.61 1.98 13.08
N LYS A 387 -18.41 2.77 13.78
CA LYS A 387 -18.99 2.37 15.06
C LYS A 387 -20.03 1.25 14.90
N ALA A 388 -20.74 1.25 13.76
CA ALA A 388 -21.76 0.24 13.49
C ALA A 388 -21.18 -1.08 12.96
N GLY A 389 -19.84 -1.18 12.86
CA GLY A 389 -19.16 -2.44 12.60
C GLY A 389 -18.27 -2.53 11.38
N LEU A 390 -18.18 -1.46 10.58
CA LEU A 390 -17.38 -1.48 9.36
C LEU A 390 -15.86 -1.47 9.59
N SER A 391 -15.43 -1.10 10.78
CA SER A 391 -13.99 -1.00 11.08
C SER A 391 -13.32 -2.34 11.39
N GLN A 392 -14.11 -3.40 11.60
CA GLN A 392 -13.53 -4.72 11.83
C GLN A 392 -13.28 -5.47 10.52
N SER A 393 -12.04 -5.94 10.36
CA SER A 393 -11.66 -6.76 9.21
C SER A 393 -12.24 -8.16 9.34
N LEU A 394 -12.40 -8.83 8.20
CA LEU A 394 -12.77 -10.25 8.15
C LEU A 394 -11.86 -11.09 9.04
N PHE A 395 -10.55 -10.90 8.88
CA PHE A 395 -9.55 -11.61 9.67
C PHE A 395 -9.87 -11.53 11.16
N GLU A 396 -10.13 -10.32 11.66
CA GLU A 396 -10.37 -10.11 13.09
C GLU A 396 -11.69 -10.69 13.56
N ARG A 397 -12.70 -10.75 12.70
CA ARG A 397 -13.99 -11.33 13.06
C ARG A 397 -13.90 -12.85 13.21
N LEU A 398 -13.08 -13.48 12.37
CA LEU A 398 -12.88 -14.92 12.45
C LEU A 398 -12.08 -15.29 13.71
N VAL A 399 -11.20 -14.39 14.16
CA VAL A 399 -10.47 -14.58 15.40
C VAL A 399 -11.42 -14.55 16.60
N VAL A 400 -12.40 -13.67 16.57
CA VAL A 400 -13.43 -13.63 17.60
C VAL A 400 -14.31 -14.89 17.54
N LEU A 401 -14.48 -15.44 16.34
CA LEU A 401 -15.26 -16.67 16.16
C LEU A 401 -14.55 -17.92 16.64
N GLY A 402 -13.24 -17.81 16.87
CA GLY A 402 -12.49 -18.89 17.48
C GLY A 402 -11.47 -19.58 16.60
N ILE A 403 -11.40 -19.26 15.32
CA ILE A 403 -10.33 -19.85 14.50
C ILE A 403 -9.00 -19.25 14.96
N ARG A 404 -8.02 -20.12 15.16
CA ARG A 404 -6.76 -19.75 15.79
C ARG A 404 -5.72 -19.59 14.69
N PRO A 405 -5.19 -18.38 14.53
CA PRO A 405 -4.15 -18.15 13.53
C PRO A 405 -2.89 -18.99 13.76
N ILE A 406 -2.34 -19.57 12.69
CA ILE A 406 -0.99 -20.11 12.69
C ILE A 406 -0.05 -18.93 12.90
N ARG A 407 0.88 -19.03 13.84
CA ARG A 407 1.68 -17.87 14.25
C ARG A 407 3.15 -17.95 13.87
N LEU A 408 3.67 -16.85 13.34
CA LEU A 408 5.09 -16.70 13.05
C LEU A 408 5.66 -15.68 14.04
N GLN A 409 6.80 -16.00 14.66
CA GLN A 409 7.37 -15.16 15.72
C GLN A 409 8.79 -14.68 15.46
N VAL A 410 9.53 -15.36 14.58
CA VAL A 410 10.94 -15.05 14.34
C VAL A 410 11.12 -14.14 13.12
N GLN A 411 11.62 -12.93 13.35
CA GLN A 411 11.87 -11.97 12.28
C GLN A 411 13.29 -12.06 11.71
N TYR A 412 13.43 -11.76 10.42
CA TYR A 412 14.72 -11.83 9.72
C TYR A 412 15.09 -10.53 9.01
N ARG A 413 14.33 -9.46 9.26
CA ARG A 413 14.51 -8.18 8.59
C ARG A 413 15.48 -7.31 9.37
N MET A 414 15.12 -7.04 10.62
CA MET A 414 15.79 -6.04 11.46
C MET A 414 17.03 -6.56 12.19
N HIS A 415 17.72 -5.61 12.82
CA HIS A 415 18.84 -5.85 13.71
C HIS A 415 18.22 -5.93 15.11
N PRO A 416 18.69 -6.83 15.98
CA PRO A 416 18.10 -7.02 17.31
C PRO A 416 17.68 -5.74 18.05
N ALA A 417 18.55 -4.72 18.04
CA ALA A 417 18.29 -3.46 18.73
C ALA A 417 17.07 -2.70 18.17
N LEU A 418 16.89 -2.76 16.86
CA LEU A 418 15.76 -2.11 16.18
C LEU A 418 14.41 -2.78 16.51
N SER A 419 14.41 -4.11 16.62
CA SER A 419 13.20 -4.87 16.93
C SER A 419 12.88 -4.89 18.42
N ALA A 420 13.80 -4.40 19.25
CA ALA A 420 13.65 -4.43 20.70
C ALA A 420 12.43 -3.64 21.18
N PHE A 421 12.35 -2.38 20.76
CA PHE A 421 11.26 -1.50 21.20
C PHE A 421 9.88 -1.92 20.67
N PRO A 422 9.74 -2.14 19.35
CA PRO A 422 8.46 -2.57 18.79
C PRO A 422 7.88 -3.84 19.43
N SER A 423 8.73 -4.82 19.73
CA SER A 423 8.27 -6.07 20.32
C SER A 423 7.68 -5.85 21.71
N ASN A 424 8.37 -5.09 22.56
CA ASN A 424 7.95 -4.89 23.95
C ASN A 424 6.66 -4.08 24.12
N ILE A 425 6.48 -3.08 23.25
CA ILE A 425 5.35 -2.16 23.35
C ILE A 425 4.10 -2.70 22.63
N PHE A 426 4.29 -3.39 21.50
CA PHE A 426 3.17 -3.82 20.65
C PHE A 426 2.86 -5.32 20.72
N TYR A 427 3.88 -6.15 20.96
CA TYR A 427 3.72 -7.61 20.89
C TYR A 427 4.09 -8.38 22.16
N GLU A 428 4.21 -7.70 23.30
CA GLU A 428 4.50 -8.33 24.60
C GLU A 428 5.85 -9.06 24.66
N GLY A 429 6.84 -8.51 23.96
CA GLY A 429 8.16 -9.12 23.88
C GLY A 429 8.21 -10.46 23.18
N SER A 430 7.17 -10.81 22.42
CA SER A 430 7.06 -12.12 21.79
C SER A 430 7.60 -12.14 20.36
N LEU A 431 8.18 -11.02 19.93
CA LEU A 431 8.87 -10.94 18.64
C LEU A 431 10.35 -11.14 18.91
N GLN A 432 10.91 -12.23 18.39
CA GLN A 432 12.32 -12.57 18.58
C GLN A 432 13.08 -12.51 17.27
N ASN A 433 14.39 -12.67 17.34
CA ASN A 433 15.27 -12.47 16.19
C ASN A 433 15.90 -13.76 15.68
N GLY A 434 15.77 -14.00 14.37
CA GLY A 434 16.45 -15.07 13.68
C GLY A 434 17.70 -14.56 12.97
N VAL A 435 18.03 -13.30 13.24
CA VAL A 435 19.19 -12.63 12.67
C VAL A 435 19.89 -11.87 13.81
N THR A 436 21.23 -11.82 13.76
CA THR A 436 22.02 -11.15 14.81
C THR A 436 22.77 -9.93 14.27
N ALA A 437 23.50 -9.26 15.16
CA ALA A 437 24.26 -8.06 14.80
C ALA A 437 25.28 -8.30 13.70
N ALA A 438 25.92 -9.48 13.71
CA ALA A 438 26.91 -9.83 12.69
C ALA A 438 26.30 -9.92 11.30
N ASP A 439 25.03 -10.31 11.24
CA ASP A 439 24.31 -10.41 9.97
C ASP A 439 23.90 -9.03 9.44
N ARG A 440 23.58 -8.10 10.35
CA ARG A 440 23.15 -6.76 9.97
C ARG A 440 24.22 -5.70 10.30
N VAL A 441 25.46 -5.99 9.94
CA VAL A 441 26.53 -5.00 9.95
C VAL A 441 26.83 -4.67 8.49
N LYS A 442 26.17 -3.62 8.00
CA LYS A 442 26.17 -3.29 6.57
C LYS A 442 27.57 -3.37 5.96
N LYS A 443 27.70 -4.21 4.93
CA LYS A 443 28.99 -4.44 4.27
C LYS A 443 29.28 -3.28 3.33
N GLY A 444 30.48 -2.72 3.44
CA GLY A 444 30.87 -1.57 2.66
C GLY A 444 30.16 -0.31 3.15
N PHE A 445 30.19 -0.10 4.47
CA PHE A 445 29.50 1.01 5.11
C PHE A 445 30.30 1.51 6.30
N ASP A 446 31.22 2.43 6.03
CA ASP A 446 32.02 3.07 7.07
C ASP A 446 31.26 4.25 7.71
N PHE A 447 30.46 3.92 8.71
CA PHE A 447 29.68 4.88 9.48
C PHE A 447 29.67 4.40 10.91
N GLN A 448 30.01 5.28 11.86
CA GLN A 448 29.97 4.90 13.27
C GLN A 448 28.92 5.68 14.04
N TRP A 449 28.08 4.95 14.75
CA TRP A 449 26.91 5.49 15.42
C TRP A 449 27.33 6.02 16.79
N PRO A 450 26.47 6.79 17.45
CA PRO A 450 26.75 7.27 18.81
C PRO A 450 26.82 6.16 19.86
N GLN A 451 26.59 4.91 19.43
CA GLN A 451 26.69 3.75 20.31
C GLN A 451 26.71 2.48 19.44
N PRO A 452 27.89 1.96 19.11
CA PRO A 452 28.00 0.70 18.36
C PRO A 452 27.27 -0.46 19.04
N ASP A 453 26.90 -1.49 18.28
CA ASP A 453 26.01 -2.56 18.73
C ASP A 453 24.55 -2.11 18.76
N LYS A 454 24.31 -0.85 18.35
CA LYS A 454 22.97 -0.26 18.37
C LYS A 454 22.88 0.77 17.24
N PRO A 455 22.54 0.32 16.04
CA PRO A 455 22.41 1.23 14.89
C PRO A 455 21.16 2.11 14.94
N MET A 456 21.09 3.01 15.92
CA MET A 456 19.91 3.86 16.09
C MET A 456 20.15 5.02 17.04
N PHE A 457 19.56 6.17 16.74
CA PHE A 457 19.55 7.30 17.67
C PHE A 457 18.46 8.33 17.35
N PHE A 458 17.89 8.92 18.40
CA PHE A 458 16.97 10.04 18.28
C PHE A 458 17.76 11.34 18.28
N TYR A 459 17.94 11.91 17.10
CA TYR A 459 18.56 13.22 16.94
C TYR A 459 17.60 14.32 17.41
N VAL A 460 18.04 15.10 18.40
CA VAL A 460 17.22 16.18 18.95
C VAL A 460 17.31 17.40 18.03
N THR A 461 16.17 18.05 17.84
CA THR A 461 16.07 19.19 16.93
C THR A 461 14.79 19.97 17.21
N GLN A 462 14.93 21.03 18.00
CA GLN A 462 13.83 21.97 18.21
C GLN A 462 13.83 22.95 17.05
N GLY A 463 12.64 23.29 16.56
CA GLY A 463 12.51 24.20 15.43
C GLY A 463 11.11 24.76 15.26
N GLN A 464 11.01 25.84 14.49
CA GLN A 464 9.73 26.50 14.24
C GLN A 464 8.89 25.65 13.28
N GLU A 465 7.90 24.95 13.82
CA GLU A 465 6.91 24.27 13.00
C GLU A 465 5.88 25.30 12.56
N GLU A 466 5.70 25.44 11.25
CA GLU A 466 4.74 26.40 10.70
C GLU A 466 3.80 25.74 9.70
N ILE A 467 2.83 26.52 9.22
CA ILE A 467 1.88 26.04 8.22
C ILE A 467 2.51 26.08 6.83
N ALA A 468 1.86 25.44 5.87
CA ALA A 468 2.34 25.42 4.49
C ALA A 468 1.86 26.69 3.76
N SER A 469 2.73 27.25 2.92
CA SER A 469 2.42 28.49 2.18
C SER A 469 1.04 28.44 1.54
N SER A 470 0.72 27.33 0.88
CA SER A 470 -0.61 27.07 0.36
C SER A 470 -1.09 25.72 0.87
N GLY A 471 -2.24 25.71 1.57
CA GLY A 471 -2.81 24.49 2.11
C GLY A 471 -3.00 24.52 3.61
N THR A 472 -3.28 23.34 4.19
CA THR A 472 -3.52 23.19 5.63
C THR A 472 -2.49 22.31 6.34
N SER A 473 -1.55 21.76 5.59
CA SER A 473 -0.53 20.85 6.12
C SER A 473 0.57 21.63 6.86
N TYR A 474 1.39 20.93 7.63
CA TYR A 474 2.48 21.55 8.38
C TYR A 474 3.86 21.07 7.90
N LEU A 475 4.90 21.75 8.36
CA LEU A 475 6.28 21.40 8.06
C LEU A 475 7.25 21.99 9.09
N ASN A 476 8.50 21.59 9.00
CA ASN A 476 9.54 22.03 9.93
C ASN A 476 10.86 22.14 9.18
N ARG A 477 11.18 23.34 8.72
CA ARG A 477 12.34 23.57 7.87
C ARG A 477 13.67 23.32 8.57
N THR A 478 13.70 23.50 9.89
CA THR A 478 14.92 23.25 10.67
C THR A 478 15.25 21.75 10.69
N GLU A 479 14.23 20.93 10.93
CA GLU A 479 14.38 19.48 10.92
C GLU A 479 14.78 18.98 9.53
N ALA A 480 14.05 19.47 8.52
CA ALA A 480 14.31 19.13 7.13
C ALA A 480 15.79 19.26 6.79
N ALA A 481 16.41 20.34 7.24
CA ALA A 481 17.84 20.57 7.02
C ALA A 481 18.66 19.49 7.71
N ASN A 482 18.32 19.17 8.95
CA ASN A 482 18.98 18.11 9.69
C ASN A 482 18.79 16.72 9.07
N VAL A 483 17.65 16.50 8.41
CA VAL A 483 17.36 15.23 7.75
C VAL A 483 18.21 15.07 6.50
N GLU A 484 18.52 16.19 5.82
CA GLU A 484 19.41 16.15 4.66
C GLU A 484 20.86 15.94 5.10
N LYS A 485 21.20 16.43 6.28
CA LYS A 485 22.54 16.24 6.84
C LYS A 485 22.77 14.78 7.23
N ILE A 486 21.72 14.12 7.72
CA ILE A 486 21.79 12.70 8.03
C ILE A 486 21.87 11.89 6.74
N THR A 487 21.05 12.27 5.75
CA THR A 487 20.98 11.56 4.48
C THR A 487 22.29 11.66 3.71
N THR A 488 22.92 12.84 3.79
CA THR A 488 24.19 13.08 3.13
C THR A 488 25.31 12.31 3.82
N LYS A 489 25.23 12.19 5.14
CA LYS A 489 26.22 11.47 5.93
C LYS A 489 26.18 9.97 5.67
N LEU A 490 24.99 9.44 5.44
CA LEU A 490 24.80 8.01 5.19
C LEU A 490 25.27 7.64 3.78
N LEU A 491 25.04 8.52 2.82
CA LEU A 491 25.40 8.27 1.42
C LEU A 491 26.92 8.30 1.19
N LYS A 492 27.60 9.22 1.85
CA LYS A 492 29.07 9.31 1.81
C LYS A 492 29.70 8.12 2.55
N ALA A 493 28.98 7.58 3.52
CA ALA A 493 29.46 6.43 4.30
C ALA A 493 29.43 5.11 3.54
N GLY A 494 28.68 5.06 2.44
CA GLY A 494 28.63 3.86 1.60
C GLY A 494 27.22 3.42 1.23
N ALA A 495 26.25 3.82 2.04
CA ALA A 495 24.84 3.48 1.80
C ALA A 495 24.39 3.94 0.41
N LYS A 496 23.67 3.07 -0.29
CA LYS A 496 23.14 3.39 -1.60
C LYS A 496 21.84 4.19 -1.40
N PRO A 497 21.57 5.17 -2.27
CA PRO A 497 20.35 5.98 -2.20
C PRO A 497 19.04 5.18 -2.15
N ASP A 498 18.90 4.19 -3.01
CA ASP A 498 17.67 3.39 -3.09
C ASP A 498 17.40 2.48 -1.89
N GLN A 499 18.31 2.47 -0.92
CA GLN A 499 18.14 1.73 0.31
C GLN A 499 18.01 2.66 1.53
N ILE A 500 17.53 3.87 1.29
CA ILE A 500 17.21 4.81 2.36
C ILE A 500 15.79 5.32 2.16
N GLY A 501 14.98 5.25 3.21
CA GLY A 501 13.64 5.77 3.21
C GLY A 501 13.50 6.84 4.27
N ILE A 502 12.63 7.80 4.03
CA ILE A 502 12.35 8.86 4.99
C ILE A 502 10.84 8.91 5.18
N ILE A 503 10.39 8.56 6.38
CA ILE A 503 8.97 8.60 6.70
C ILE A 503 8.67 9.89 7.44
N THR A 504 7.62 10.58 7.03
CA THR A 504 7.14 11.78 7.71
C THR A 504 5.61 11.87 7.63
N PRO A 505 4.95 12.33 8.69
CA PRO A 505 3.49 12.31 8.73
C PRO A 505 2.84 13.32 7.80
N TYR A 506 3.49 14.48 7.61
CA TYR A 506 2.86 15.60 6.91
C TYR A 506 3.32 15.78 5.46
N GLU A 507 2.39 16.27 4.64
CA GLU A 507 2.63 16.50 3.22
C GLU A 507 3.55 17.70 2.99
N GLY A 508 3.43 18.71 3.84
CA GLY A 508 4.26 19.90 3.75
C GLY A 508 5.72 19.60 4.03
N GLN A 509 5.97 18.63 4.91
CA GLN A 509 7.33 18.19 5.20
C GLN A 509 7.90 17.30 4.08
N ARG A 510 7.03 16.53 3.43
CA ARG A 510 7.46 15.65 2.35
C ARG A 510 7.88 16.49 1.15
N SER A 511 7.00 17.38 0.71
CA SER A 511 7.24 18.28 -0.41
C SER A 511 8.50 19.10 -0.21
N TYR A 512 8.66 19.66 0.99
CA TYR A 512 9.82 20.49 1.30
C TYR A 512 11.12 19.69 1.28
N LEU A 513 11.08 18.47 1.80
CA LEU A 513 12.25 17.61 1.83
C LEU A 513 12.71 17.20 0.43
N VAL A 514 11.78 17.14 -0.52
CA VAL A 514 12.10 16.73 -1.88
C VAL A 514 12.86 17.83 -2.61
N GLN A 515 12.33 19.05 -2.55
CA GLN A 515 12.95 20.20 -3.20
C GLN A 515 14.27 20.57 -2.51
N TYR A 516 14.28 20.56 -1.18
CA TYR A 516 15.43 20.98 -0.39
C TYR A 516 16.64 20.05 -0.53
N MET A 517 16.40 18.75 -0.59
CA MET A 517 17.48 17.78 -0.71
C MET A 517 18.13 17.86 -2.10
N GLN A 518 17.34 18.18 -3.13
CA GLN A 518 17.83 18.24 -4.50
C GLN A 518 18.58 19.55 -4.79
N PHE A 519 18.01 20.67 -4.34
CA PHE A 519 18.59 21.99 -4.56
C PHE A 519 19.85 22.14 -3.71
N SER A 520 19.66 22.02 -2.40
CA SER A 520 20.68 22.32 -1.40
C SER A 520 21.45 21.10 -0.90
N GLY A 521 21.35 19.98 -1.61
CA GLY A 521 22.10 18.79 -1.25
C GLY A 521 23.57 18.94 -1.62
N SER A 522 24.44 18.36 -0.80
CA SER A 522 25.89 18.42 -1.03
C SER A 522 26.31 17.61 -2.26
N LEU A 523 25.66 16.46 -2.46
CA LEU A 523 25.99 15.53 -3.53
C LEU A 523 25.14 15.80 -4.78
N HIS A 524 25.21 14.87 -5.75
CA HIS A 524 24.47 14.98 -7.00
C HIS A 524 22.97 14.98 -6.73
N THR A 525 22.23 15.77 -7.50
CA THR A 525 20.77 15.88 -7.35
C THR A 525 20.04 14.56 -7.66
N LYS A 526 20.63 13.74 -8.53
CA LYS A 526 20.02 12.46 -8.92
C LYS A 526 19.98 11.45 -7.77
N LEU A 527 20.91 11.59 -6.82
CA LEU A 527 20.99 10.68 -5.68
C LEU A 527 19.91 10.94 -4.64
N TYR A 528 19.61 12.21 -4.38
CA TYR A 528 18.54 12.58 -3.44
C TYR A 528 17.17 12.30 -4.03
N GLN A 529 17.10 12.33 -5.36
CA GLN A 529 15.88 11.98 -6.10
C GLN A 529 15.57 10.48 -5.98
N GLU A 530 16.60 9.68 -5.75
CA GLU A 530 16.49 8.23 -5.63
C GLU A 530 16.13 7.78 -4.21
N VAL A 531 16.15 8.71 -3.26
CA VAL A 531 15.75 8.43 -1.87
C VAL A 531 14.26 8.69 -1.70
N GLU A 532 13.54 7.66 -1.25
CA GLU A 532 12.09 7.72 -1.11
C GLU A 532 11.65 8.55 0.10
N ILE A 533 10.64 9.40 -0.10
CA ILE A 533 10.08 10.23 0.97
C ILE A 533 8.56 10.18 0.88
N ALA A 534 7.94 9.75 1.97
CA ALA A 534 6.48 9.56 2.02
C ALA A 534 6.02 9.27 3.45
N SER A 535 4.71 9.13 3.64
CA SER A 535 4.16 8.66 4.91
C SER A 535 4.36 7.15 5.01
N VAL A 536 3.98 6.57 6.15
CA VAL A 536 4.16 5.13 6.37
C VAL A 536 3.45 4.24 5.33
N ASP A 537 2.34 4.73 4.77
CA ASP A 537 1.57 4.00 3.76
C ASP A 537 2.42 3.52 2.59
N ALA A 538 3.36 4.36 2.18
CA ALA A 538 4.23 4.03 1.06
C ALA A 538 5.14 2.84 1.36
N PHE A 539 5.51 2.67 2.62
CA PHE A 539 6.40 1.59 3.06
C PHE A 539 5.65 0.37 3.62
N GLN A 540 4.35 0.28 3.39
CA GLN A 540 3.56 -0.86 3.88
C GLN A 540 4.07 -2.19 3.34
N GLY A 541 4.51 -3.06 4.24
CA GLY A 541 4.96 -4.40 3.89
C GLY A 541 6.32 -4.45 3.25
N ARG A 542 7.05 -3.33 3.30
CA ARG A 542 8.32 -3.19 2.60
C ARG A 542 9.47 -2.98 3.57
N GLU A 543 10.68 -2.94 3.04
CA GLU A 543 11.87 -2.79 3.87
C GLU A 543 12.98 -2.03 3.14
N LYS A 544 13.60 -1.11 3.87
CA LYS A 544 14.80 -0.41 3.41
C LYS A 544 15.94 -0.71 4.38
N ASP A 545 17.18 -0.58 3.92
CA ASP A 545 18.33 -0.78 4.79
C ASP A 545 18.37 0.25 5.92
N PHE A 546 18.03 1.50 5.59
CA PHE A 546 18.02 2.58 6.58
C PHE A 546 16.73 3.38 6.47
N ILE A 547 16.15 3.72 7.61
CA ILE A 547 14.98 4.61 7.65
C ILE A 547 15.31 5.83 8.50
N ILE A 548 14.75 6.97 8.11
CA ILE A 548 14.83 8.19 8.89
C ILE A 548 13.41 8.69 9.12
N LEU A 549 12.98 8.71 10.37
CA LEU A 549 11.71 9.35 10.71
C LEU A 549 11.92 10.85 10.81
N SER A 550 10.90 11.61 10.44
CA SER A 550 10.92 13.06 10.58
C SER A 550 9.58 13.48 11.16
N CYS A 551 9.50 13.42 12.49
CA CYS A 551 8.32 13.89 13.22
C CYS A 551 8.33 15.40 13.13
N VAL A 552 7.31 15.97 12.50
CA VAL A 552 7.31 17.40 12.20
C VAL A 552 6.97 18.23 13.43
N ARG A 553 5.78 17.89 14.07
CA ARG A 553 5.21 18.70 15.15
C ARG A 553 6.23 19.01 16.25
N ALA A 554 6.57 20.33 16.43
CA ALA A 554 7.30 20.88 17.57
C ALA A 554 6.38 21.77 18.39
N ASN A 555 5.07 21.50 18.32
CA ASN A 555 4.04 22.29 19.00
C ASN A 555 3.24 21.43 19.99
N GLU A 556 2.14 21.96 20.49
CA GLU A 556 1.35 21.31 21.56
C GLU A 556 0.26 20.36 21.05
N HIS A 557 -0.43 20.74 19.96
CA HIS A 557 -1.59 19.99 19.50
C HIS A 557 -1.24 18.64 18.85
N GLN A 558 -2.25 17.77 18.79
CA GLN A 558 -2.18 16.44 18.19
C GLN A 558 -1.49 16.34 16.83
N GLY A 559 -0.95 15.15 16.55
CA GLY A 559 -0.40 14.83 15.25
C GLY A 559 -1.43 14.12 14.38
N ILE A 560 -0.96 13.33 13.41
CA ILE A 560 -1.86 12.64 12.48
C ILE A 560 -1.42 11.21 12.12
N GLY A 561 -0.17 11.05 11.67
CA GLY A 561 0.30 9.78 11.16
C GLY A 561 0.83 8.90 12.27
N PHE A 562 2.14 8.66 12.26
CA PHE A 562 2.78 7.88 13.31
C PHE A 562 2.94 8.65 14.62
N LEU A 563 2.35 9.85 14.69
CA LEU A 563 2.41 10.69 15.89
C LEU A 563 1.38 10.30 16.94
N ASN A 564 0.21 9.84 16.51
CA ASN A 564 -0.86 9.48 17.45
C ASN A 564 -1.63 8.18 17.17
N ASP A 565 -1.20 7.43 16.14
CA ASP A 565 -1.77 6.11 15.86
C ASP A 565 -0.72 5.04 16.16
N PRO A 566 -0.98 4.17 17.14
CA PRO A 566 -0.05 3.08 17.48
C PRO A 566 0.29 2.17 16.31
N ARG A 567 -0.70 1.84 15.48
CA ARG A 567 -0.47 1.03 14.29
C ARG A 567 0.62 1.63 13.41
N ARG A 568 0.48 2.92 13.12
CA ARG A 568 1.37 3.61 12.17
C ARG A 568 2.80 3.77 12.67
N LEU A 569 2.98 3.93 13.99
CA LEU A 569 4.30 4.05 14.57
C LEU A 569 5.04 2.72 14.53
N ASN A 570 4.33 1.66 14.89
CA ASN A 570 4.84 0.29 14.80
C ASN A 570 5.38 0.01 13.41
N VAL A 571 4.60 0.33 12.38
CA VAL A 571 5.02 0.12 11.00
C VAL A 571 6.21 1.01 10.64
N ALA A 572 6.24 2.23 11.19
CA ALA A 572 7.34 3.17 10.92
C ALA A 572 8.66 2.68 11.51
N LEU A 573 8.59 2.03 12.66
CA LEU A 573 9.78 1.58 13.38
C LEU A 573 10.26 0.19 12.95
N THR A 574 9.51 -0.46 12.06
CA THR A 574 9.83 -1.83 11.67
C THR A 574 10.12 -2.01 10.17
N ARG A 575 10.48 -0.92 9.49
CA ARG A 575 10.87 -1.00 8.08
C ARG A 575 12.38 -1.24 7.91
N ALA A 576 13.17 -0.79 8.87
CA ALA A 576 14.64 -0.77 8.72
C ALA A 576 15.27 -2.13 8.98
N ARG A 577 16.37 -2.40 8.26
CA ARG A 577 17.13 -3.63 8.42
C ARG A 577 18.42 -3.39 9.19
N TYR A 578 19.21 -2.43 8.71
CA TYR A 578 20.54 -2.13 9.26
C TYR A 578 20.58 -0.99 10.28
N GLY A 579 19.66 -0.03 10.19
CA GLY A 579 19.61 1.06 11.16
C GLY A 579 18.51 2.09 10.96
N VAL A 580 18.07 2.73 12.04
CA VAL A 580 17.04 3.77 12.00
C VAL A 580 17.50 5.03 12.75
N ILE A 581 17.13 6.21 12.22
CA ILE A 581 17.44 7.50 12.85
C ILE A 581 16.16 8.33 12.92
N ILE A 582 15.71 8.66 14.13
CA ILE A 582 14.52 9.49 14.32
C ILE A 582 14.92 10.94 14.57
N VAL A 583 14.25 11.88 13.91
CA VAL A 583 14.55 13.30 14.03
C VAL A 583 13.28 14.04 14.45
N GLY A 584 13.36 14.79 15.55
CA GLY A 584 12.21 15.51 16.06
C GLY A 584 12.47 16.21 17.39
N ASN A 585 11.42 16.84 17.91
CA ASN A 585 11.48 17.58 19.16
C ASN A 585 11.04 16.71 20.34
N PRO A 586 11.96 16.34 21.23
CA PRO A 586 11.61 15.50 22.38
C PRO A 586 10.47 16.05 23.25
N LYS A 587 10.46 17.36 23.48
CA LYS A 587 9.42 17.98 24.31
C LYS A 587 8.03 17.89 23.69
N ALA A 588 7.92 18.24 22.41
CA ALA A 588 6.64 18.27 21.71
C ALA A 588 6.02 16.87 21.56
N LEU A 589 6.86 15.88 21.28
CA LEU A 589 6.41 14.50 21.11
C LEU A 589 6.10 13.84 22.46
N SER A 590 6.60 14.43 23.54
CA SER A 590 6.45 13.89 24.90
C SER A 590 4.99 13.77 25.35
N LYS A 591 4.13 14.68 24.89
CA LYS A 591 2.70 14.61 25.22
C LYS A 591 2.00 13.55 24.38
N GLN A 592 2.20 12.30 24.80
CA GLN A 592 1.75 11.11 24.08
C GLN A 592 2.37 9.92 24.81
N PRO A 593 1.56 9.13 25.52
CA PRO A 593 2.08 7.97 26.26
C PRO A 593 3.01 7.07 25.45
N LEU A 594 2.68 6.87 24.17
CA LEU A 594 3.47 6.00 23.30
C LEU A 594 4.84 6.59 22.98
N TRP A 595 4.88 7.89 22.66
CA TRP A 595 6.12 8.56 22.31
C TRP A 595 7.01 8.89 23.52
N ASN A 596 6.41 9.00 24.70
CA ASN A 596 7.18 9.26 25.92
C ASN A 596 7.94 8.01 26.36
N HIS A 597 7.40 6.84 26.03
CA HIS A 597 8.08 5.57 26.22
C HIS A 597 9.27 5.43 25.27
N LEU A 598 9.07 5.84 24.01
CA LEU A 598 10.13 5.80 22.99
C LEU A 598 11.34 6.60 23.44
N LEU A 599 11.10 7.81 23.92
CA LEU A 599 12.18 8.71 24.35
C LEU A 599 12.90 8.19 25.58
N ASN A 600 12.15 7.53 26.47
CA ASN A 600 12.73 6.94 27.67
C ASN A 600 13.70 5.82 27.32
N TYR A 601 13.23 4.86 26.51
CA TYR A 601 14.04 3.71 26.12
C TYR A 601 15.31 4.11 25.36
N TYR A 602 15.20 5.16 24.54
CA TYR A 602 16.34 5.63 23.76
C TYR A 602 17.37 6.34 24.66
N LYS A 603 16.89 7.01 25.71
CA LYS A 603 17.78 7.65 26.68
C LYS A 603 18.51 6.62 27.55
N GLU A 604 17.85 5.50 27.83
CA GLU A 604 18.43 4.44 28.65
C GLU A 604 19.53 3.69 27.91
N GLN A 605 19.42 3.63 26.58
CA GLN A 605 20.42 2.97 25.74
C GLN A 605 21.51 3.95 25.28
N LYS A 606 21.49 5.17 25.81
CA LYS A 606 22.50 6.20 25.53
C LYS A 606 22.54 6.59 24.06
N VAL A 607 21.35 6.76 23.47
CA VAL A 607 21.22 7.17 22.06
C VAL A 607 20.31 8.38 21.85
N LEU A 608 19.93 9.08 22.93
CA LEU A 608 19.22 10.35 22.82
C LEU A 608 20.26 11.47 22.71
N VAL A 609 20.73 11.73 21.49
CA VAL A 609 21.88 12.61 21.24
C VAL A 609 21.49 13.93 20.55
N GLU A 610 22.47 14.82 20.37
CA GLU A 610 22.25 16.12 19.70
C GLU A 610 23.54 16.81 19.22
N GLY A 611 23.43 17.56 18.12
CA GLY A 611 24.55 18.34 17.58
C GLY A 611 25.58 17.49 16.84
N PRO A 612 25.92 17.83 15.59
CA PRO A 612 26.80 16.98 14.77
C PRO A 612 28.07 16.53 15.50
N LEU A 613 28.47 15.28 15.31
CA LEU A 613 29.52 14.64 16.12
C LEU A 613 29.06 14.70 17.58
N ASN A 614 28.07 13.86 17.89
CA ASN A 614 27.11 14.12 18.97
C ASN A 614 27.41 13.46 20.31
N ASN A 615 26.60 13.84 21.31
CA ASN A 615 26.65 13.29 22.66
C ASN A 615 25.26 13.36 23.33
N LEU A 616 25.08 12.59 24.40
CA LEU A 616 23.80 12.49 25.13
C LEU A 616 23.09 13.82 25.41
N ARG A 617 21.78 13.73 25.66
CA ARG A 617 20.93 14.90 25.95
C ARG A 617 19.97 14.59 27.08
N GLU A 618 19.65 15.60 27.87
CA GLU A 618 18.74 15.48 29.01
C GLU A 618 17.31 15.81 28.58
#